data_8OVS
#
_entry.id   8OVS
#
_cell.length_a   47.130
_cell.length_b   114.546
_cell.length_c   69.376
_cell.angle_alpha   90.000
_cell.angle_beta   89.987
_cell.angle_gamma   90.000
#
_symmetry.space_group_name_H-M   'P 1 21 1'
#
loop_
_entity.id
_entity.type
_entity.pdbx_description
1 polymer 'YeGT glycosyltransferase'
2 non-polymer "URIDINE-5'-DIPHOSPHATE"
3 non-polymer 'ACETATE ION'
4 non-polymer 1,2-ETHANEDIOL
5 non-polymer 'CADMIUM ION'
6 non-polymer 'MANGANESE (II) ION'
7 non-polymer 'SODIUM ION'
8 water water
#
_entity_poly.entity_id   1
_entity_poly.type   'polypeptide(L)'
_entity_poly.pdbx_seq_one_letter_code
;GSMQYFAQIVNREENKWPSEPINKYIHMIWIGPKNISDKNIRLSLQTAQKNPDYSTTIIYDSGISGYEAARNFMSEKFKA
SKITLVDIRNKGYFHQLQQEPSFTYYEEVIRNKKFAQASDILRLLVLKYEGGIYKDIDDIQIKGFGSLAFPKGIGVMREY
VPEAGKSAAFPNSPIAATKNNPVVNKTLELAVENYRHGEKNVLKLAGPDVFTKALYQEIPGMCSQVLGTQLEQFELAKRQ
ALKMPLEKPKSFIDEQLTLQEKAKISRPYKAIRGLSEYVCNGADHSWATDMLGSSTKMY
;
_entity_poly.pdbx_strand_id   AAA,BBB
#
loop_
_chem_comp.id
_chem_comp.type
_chem_comp.name
_chem_comp.formula
ACT non-polymer 'ACETATE ION' 'C2 H3 O2 -1'
CD non-polymer 'CADMIUM ION' 'Cd 2'
EDO non-polymer 1,2-ETHANEDIOL 'C2 H6 O2'
MN non-polymer 'MANGANESE (II) ION' 'Mn 2'
NA non-polymer 'SODIUM ION' 'Na 1'
UDP RNA linking URIDINE-5'-DIPHOSPHATE 'C9 H14 N2 O12 P2'
#
# COMPACT_ATOMS: atom_id res chain seq x y z
N GLY A 1 -18.71 26.84 29.75
CA GLY A 1 -18.48 25.93 28.60
C GLY A 1 -19.78 25.26 28.16
N SER A 2 -19.86 24.96 26.86
CA SER A 2 -21.03 24.38 26.12
C SER A 2 -20.58 23.30 25.14
N MET A 3 -21.10 22.07 25.26
CA MET A 3 -20.85 20.97 24.30
C MET A 3 -21.62 21.22 22.99
N GLN A 4 -22.66 22.08 23.03
CA GLN A 4 -23.37 22.51 21.79
C GLN A 4 -22.42 23.38 20.95
N TYR A 5 -21.80 24.38 21.58
CA TYR A 5 -20.78 25.26 20.95
C TYR A 5 -19.64 24.40 20.40
N PHE A 6 -19.14 23.45 21.20
CA PHE A 6 -17.99 22.59 20.83
C PHE A 6 -18.35 21.81 19.56
N ALA A 7 -19.50 21.13 19.53
CA ALA A 7 -19.95 20.33 18.37
C ALA A 7 -19.99 21.23 17.12
N GLN A 8 -20.42 22.48 17.29
CA GLN A 8 -20.57 23.45 16.18
C GLN A 8 -19.20 23.85 15.63
N ILE A 9 -18.21 24.12 16.48
CA ILE A 9 -16.86 24.56 15.99
C ILE A 9 -16.12 23.36 15.37
N VAL A 10 -16.42 22.13 15.79
CA VAL A 10 -15.90 20.89 15.14
C VAL A 10 -16.51 20.78 13.75
N ASN A 11 -17.83 20.98 13.63
CA ASN A 11 -18.57 20.96 12.34
C ASN A 11 -18.00 22.06 11.42
N ARG A 12 -17.71 23.23 11.98
CA ARG A 12 -17.15 24.41 11.24
C ARG A 12 -15.78 24.04 10.67
N GLU A 13 -14.92 23.44 11.49
CA GLU A 13 -13.54 23.01 11.13
C GLU A 13 -13.59 22.02 9.96
N GLU A 14 -14.53 21.06 10.00
CA GLU A 14 -14.69 20.02 8.96
C GLU A 14 -14.92 20.67 7.59
N ASN A 15 -15.65 21.79 7.55
CA ASN A 15 -16.18 22.39 6.30
C ASN A 15 -15.48 23.73 5.98
N LYS A 16 -14.35 24.01 6.63
CA LYS A 16 -13.66 25.34 6.55
C LYS A 16 -13.19 25.64 5.13
N TRP A 17 -12.76 24.62 4.37
CA TRP A 17 -12.22 24.78 3.00
C TRP A 17 -13.09 24.02 2.00
N PRO A 18 -14.08 24.68 1.35
N PRO A 18 -14.13 24.66 1.42
CA PRO A 18 -14.96 23.99 0.40
CA PRO A 18 -14.95 24.04 0.38
C PRO A 18 -14.18 23.49 -0.81
C PRO A 18 -14.09 23.45 -0.76
N SER A 19 -14.48 22.27 -1.26
CA SER A 19 -13.76 21.56 -2.35
C SER A 19 -13.88 22.35 -3.67
N GLU A 20 -12.75 22.60 -4.34
CA GLU A 20 -12.65 23.44 -5.55
C GLU A 20 -12.45 22.53 -6.76
N PRO A 21 -13.28 22.66 -7.83
CA PRO A 21 -13.21 21.75 -8.97
C PRO A 21 -11.88 21.86 -9.74
N ILE A 22 -11.40 20.73 -10.25
CA ILE A 22 -10.14 20.62 -11.05
C ILE A 22 -10.51 20.56 -12.53
N ASN A 23 -9.84 21.38 -13.35
CA ASN A 23 -10.01 21.38 -14.82
C ASN A 23 -9.72 19.98 -15.37
N LYS A 24 -10.49 19.54 -16.37
CA LYS A 24 -10.39 18.16 -16.90
C LYS A 24 -9.32 18.14 -18.01
N TYR A 25 -8.11 18.53 -17.64
CA TYR A 25 -6.88 18.41 -18.47
C TYR A 25 -5.92 17.45 -17.76
N ILE A 26 -5.41 16.47 -18.48
CA ILE A 26 -4.24 15.65 -18.05
C ILE A 26 -3.03 16.14 -18.84
N HIS A 27 -2.06 16.72 -18.13
CA HIS A 27 -0.78 17.19 -18.72
C HIS A 27 0.28 16.14 -18.46
N MET A 28 0.94 15.66 -19.51
CA MET A 28 2.14 14.83 -19.39
C MET A 28 3.26 15.47 -20.22
N ILE A 29 4.49 15.10 -19.94
CA ILE A 29 5.70 15.72 -20.54
C ILE A 29 6.54 14.62 -21.15
N TRP A 30 6.91 14.80 -22.40
CA TRP A 30 8.01 14.02 -23.01
C TRP A 30 8.85 14.96 -23.87
N ILE A 31 9.84 15.57 -23.22
CA ILE A 31 10.78 16.53 -23.86
C ILE A 31 12.11 15.81 -24.14
N GLY A 32 12.83 16.31 -25.14
CA GLY A 32 14.19 15.84 -25.46
C GLY A 32 14.18 14.92 -26.67
N PRO A 33 15.39 14.44 -27.05
CA PRO A 33 15.58 13.73 -28.31
C PRO A 33 15.30 12.22 -28.28
N LYS A 34 15.03 11.64 -27.10
CA LYS A 34 14.88 10.17 -26.93
C LYS A 34 13.50 9.74 -27.42
N ASN A 35 13.43 8.55 -28.04
CA ASN A 35 12.15 7.87 -28.36
C ASN A 35 11.48 7.47 -27.04
N ILE A 36 10.24 7.92 -26.83
CA ILE A 36 9.38 7.45 -25.69
C ILE A 36 9.37 5.92 -25.70
N SER A 37 9.46 5.28 -24.54
CA SER A 37 9.57 3.81 -24.41
C SER A 37 8.23 3.15 -24.75
N ASP A 38 8.26 1.86 -25.12
CA ASP A 38 7.05 1.07 -25.43
C ASP A 38 6.16 1.04 -24.18
N LYS A 39 6.75 0.83 -23.00
CA LYS A 39 5.99 0.78 -21.72
C LYS A 39 5.25 2.10 -21.49
N ASN A 40 5.91 3.24 -21.72
CA ASN A 40 5.34 4.58 -21.42
C ASN A 40 4.31 4.96 -22.49
N ILE A 41 4.46 4.45 -23.71
CA ILE A 41 3.38 4.55 -24.75
C ILE A 41 2.13 3.84 -24.22
N ARG A 42 2.28 2.59 -23.75
N ARG A 42 2.27 2.59 -23.76
CA ARG A 42 1.16 1.76 -23.24
CA ARG A 42 1.13 1.78 -23.25
C ARG A 42 0.49 2.44 -22.03
C ARG A 42 0.49 2.50 -22.05
N LEU A 43 1.29 2.99 -21.11
CA LEU A 43 0.76 3.68 -19.90
C LEU A 43 0.03 4.96 -20.31
N SER A 44 0.54 5.68 -21.33
CA SER A 44 -0.08 6.93 -21.83
C SER A 44 -1.41 6.62 -22.52
N LEU A 45 -1.45 5.61 -23.39
CA LEU A 45 -2.71 5.19 -24.05
C LEU A 45 -3.74 4.82 -22.98
N GLN A 46 -3.31 4.11 -21.93
CA GLN A 46 -4.19 3.66 -20.81
C GLN A 46 -4.72 4.87 -20.05
N THR A 47 -3.85 5.85 -19.78
CA THR A 47 -4.21 7.12 -19.09
C THR A 47 -5.36 7.81 -19.83
N ALA A 48 -5.24 7.96 -21.16
CA ALA A 48 -6.24 8.66 -22.00
C ALA A 48 -7.53 7.83 -22.08
N GLN A 49 -7.40 6.51 -22.25
CA GLN A 49 -8.56 5.58 -22.45
C GLN A 49 -9.42 5.56 -21.19
N LYS A 50 -8.81 5.62 -20.01
CA LYS A 50 -9.53 5.55 -18.70
C LYS A 50 -10.17 6.91 -18.38
N ASN A 51 -9.85 7.96 -19.16
CA ASN A 51 -10.28 9.37 -18.88
C ASN A 51 -10.86 10.00 -20.14
N PRO A 52 -11.98 9.46 -20.67
CA PRO A 52 -12.57 10.00 -21.89
C PRO A 52 -13.15 11.42 -21.70
N ASP A 53 -13.40 11.81 -20.44
CA ASP A 53 -13.94 13.15 -20.07
C ASP A 53 -12.80 14.17 -19.91
N TYR A 54 -11.53 13.75 -20.08
CA TYR A 54 -10.34 14.63 -19.99
C TYR A 54 -9.71 14.79 -21.37
N SER A 55 -9.12 15.96 -21.62
CA SER A 55 -8.13 16.18 -22.72
C SER A 55 -6.74 15.80 -22.21
N THR A 56 -6.15 14.74 -22.76
CA THR A 56 -4.79 14.24 -22.41
C THR A 56 -3.80 14.75 -23.45
N THR A 57 -2.77 15.46 -23.00
CA THR A 57 -1.72 16.04 -23.87
C THR A 57 -0.36 15.54 -23.41
N ILE A 58 0.55 15.33 -24.35
CA ILE A 58 2.00 15.15 -24.09
C ILE A 58 2.71 16.39 -24.61
N ILE A 59 3.40 17.08 -23.71
CA ILE A 59 4.12 18.34 -24.01
C ILE A 59 5.54 17.99 -24.42
N TYR A 60 5.96 18.50 -25.57
CA TYR A 60 7.36 18.46 -26.04
C TYR A 60 7.86 19.91 -26.10
N ASP A 61 9.10 20.09 -26.55
CA ASP A 61 9.73 21.42 -26.57
C ASP A 61 10.59 21.55 -27.83
N SER A 62 10.21 22.45 -28.73
CA SER A 62 10.92 22.72 -30.00
C SER A 62 12.20 23.53 -29.76
N GLY A 63 12.50 23.87 -28.50
CA GLY A 63 13.73 24.58 -28.10
C GLY A 63 14.87 23.63 -27.74
N ILE A 64 14.68 22.32 -27.93
CA ILE A 64 15.68 21.28 -27.55
C ILE A 64 16.21 20.61 -28.83
N SER A 65 17.54 20.52 -28.97
N SER A 65 17.54 20.53 -28.97
CA SER A 65 18.22 19.87 -30.13
CA SER A 65 18.23 19.84 -30.09
C SER A 65 17.75 18.42 -30.26
C SER A 65 17.68 18.42 -30.25
N GLY A 66 17.28 18.05 -31.47
CA GLY A 66 16.81 16.68 -31.79
C GLY A 66 15.34 16.44 -31.47
N TYR A 67 14.57 17.50 -31.17
CA TYR A 67 13.14 17.39 -30.78
C TYR A 67 12.31 16.80 -31.93
N GLU A 68 12.67 17.07 -33.17
CA GLU A 68 11.83 16.76 -34.36
C GLU A 68 11.60 15.24 -34.46
N ALA A 69 12.67 14.45 -34.43
CA ALA A 69 12.61 12.98 -34.62
C ALA A 69 11.81 12.36 -33.47
N ALA A 70 12.03 12.84 -32.25
CA ALA A 70 11.32 12.39 -31.03
C ALA A 70 9.83 12.70 -31.15
N ARG A 71 9.49 13.90 -31.61
CA ARG A 71 8.09 14.35 -31.80
C ARG A 71 7.43 13.46 -32.88
N ASN A 72 8.12 13.25 -34.00
CA ASN A 72 7.63 12.41 -35.13
C ASN A 72 7.34 11.00 -34.64
N PHE A 73 8.26 10.41 -33.87
CA PHE A 73 8.12 9.04 -33.31
C PHE A 73 6.83 8.96 -32.49
N MET A 74 6.59 9.94 -31.62
CA MET A 74 5.37 10.02 -30.77
C MET A 74 4.12 10.20 -31.65
N SER A 75 4.16 11.09 -32.65
CA SER A 75 3.04 11.34 -33.59
C SER A 75 2.57 10.01 -34.19
N GLU A 76 3.52 9.15 -34.57
CA GLU A 76 3.25 7.82 -35.18
C GLU A 76 2.67 6.86 -34.14
N LYS A 77 3.19 6.85 -32.91
CA LYS A 77 2.81 5.88 -31.86
C LYS A 77 1.41 6.21 -31.30
N PHE A 78 0.99 7.48 -31.32
CA PHE A 78 -0.27 7.97 -30.71
C PHE A 78 -1.31 8.34 -31.78
N LYS A 79 -1.04 8.01 -33.06
CA LYS A 79 -1.87 8.45 -34.21
C LYS A 79 -3.31 7.95 -34.06
N ALA A 80 -3.52 6.80 -33.41
CA ALA A 80 -4.84 6.12 -33.31
C ALA A 80 -5.62 6.60 -32.07
N SER A 81 -4.95 7.32 -31.16
CA SER A 81 -5.50 7.71 -29.83
C SER A 81 -6.03 9.15 -29.87
N LYS A 82 -6.65 9.60 -28.76
CA LYS A 82 -7.14 10.99 -28.57
C LYS A 82 -6.06 11.83 -27.87
N ILE A 83 -4.91 11.24 -27.54
CA ILE A 83 -3.72 11.98 -27.04
C ILE A 83 -3.27 12.96 -28.13
N THR A 84 -3.06 14.22 -27.77
CA THR A 84 -2.47 15.23 -28.68
CA THR A 84 -2.50 15.29 -28.64
C THR A 84 -1.10 15.65 -28.13
N LEU A 85 -0.17 15.90 -29.05
CA LEU A 85 1.18 16.42 -28.73
C LEU A 85 1.14 17.94 -28.86
N VAL A 86 1.70 18.66 -27.89
CA VAL A 86 1.69 20.15 -27.89
C VAL A 86 3.11 20.62 -27.56
N ASP A 87 3.61 21.56 -28.33
CA ASP A 87 4.91 22.23 -28.06
C ASP A 87 4.68 23.22 -26.92
N ILE A 88 5.47 23.16 -25.85
CA ILE A 88 5.35 24.16 -24.76
C ILE A 88 5.42 25.56 -25.37
N ARG A 89 6.24 25.75 -26.40
CA ARG A 89 6.48 27.09 -27.00
C ARG A 89 5.27 27.51 -27.86
N ASN A 90 4.28 26.64 -28.05
CA ASN A 90 3.02 26.96 -28.75
C ASN A 90 1.92 27.41 -27.78
N LYS A 91 2.10 27.27 -26.47
CA LYS A 91 1.03 27.63 -25.50
C LYS A 91 0.66 29.10 -25.67
N GLY A 92 -0.64 29.41 -25.57
CA GLY A 92 -1.15 30.78 -25.71
C GLY A 92 -0.48 31.72 -24.73
N TYR A 93 -0.04 31.18 -23.58
CA TYR A 93 0.53 31.94 -22.44
C TYR A 93 2.06 31.88 -22.44
N PHE A 94 2.70 31.37 -23.49
CA PHE A 94 4.16 31.12 -23.50
C PHE A 94 4.94 32.43 -23.33
N HIS A 95 4.46 33.54 -23.91
CA HIS A 95 5.12 34.86 -23.78
C HIS A 95 5.29 35.21 -22.29
N GLN A 96 4.26 34.97 -21.48
CA GLN A 96 4.32 35.25 -20.01
C GLN A 96 5.12 34.15 -19.31
N LEU A 97 4.94 32.89 -19.70
CA LEU A 97 5.64 31.75 -19.06
C LEU A 97 7.15 31.88 -19.24
N GLN A 98 7.58 32.32 -20.43
N GLN A 98 7.62 32.33 -20.42
CA GLN A 98 9.02 32.50 -20.83
CA GLN A 98 9.07 32.40 -20.73
C GLN A 98 9.69 33.51 -19.88
C GLN A 98 9.72 33.58 -19.98
N GLN A 99 8.93 34.47 -19.36
CA GLN A 99 9.44 35.58 -18.50
C GLN A 99 9.52 35.16 -17.03
N GLU A 100 8.99 33.99 -16.67
CA GLU A 100 9.07 33.43 -15.29
C GLU A 100 10.53 33.22 -14.91
N PRO A 101 10.98 33.64 -13.71
CA PRO A 101 12.35 33.34 -13.29
C PRO A 101 12.64 31.83 -13.32
N SER A 102 11.65 30.98 -13.01
CA SER A 102 11.83 29.50 -13.04
C SER A 102 12.08 29.01 -14.47
N PHE A 103 11.57 29.71 -15.48
CA PHE A 103 11.78 29.31 -16.89
C PHE A 103 13.23 29.57 -17.28
N THR A 104 13.88 30.60 -16.73
CA THR A 104 15.34 30.84 -16.88
C THR A 104 16.09 29.55 -16.56
N TYR A 105 15.76 28.91 -15.42
CA TYR A 105 16.45 27.69 -14.95
C TYR A 105 16.02 26.48 -15.78
N TYR A 106 14.73 26.39 -16.14
CA TYR A 106 14.25 25.34 -17.08
C TYR A 106 15.16 25.33 -18.31
N GLU A 107 15.41 26.51 -18.91
CA GLU A 107 16.25 26.63 -20.14
C GLU A 107 17.67 26.14 -19.85
N GLU A 108 18.25 26.49 -18.70
CA GLU A 108 19.61 26.06 -18.31
C GLU A 108 19.66 24.53 -18.16
N VAL A 109 18.62 23.95 -17.56
CA VAL A 109 18.59 22.50 -17.23
C VAL A 109 18.40 21.69 -18.52
N ILE A 110 17.52 22.12 -19.43
CA ILE A 110 17.33 21.37 -20.72
C ILE A 110 18.60 21.47 -21.58
N ARG A 111 19.34 22.58 -21.50
N ARG A 111 19.32 22.59 -21.52
CA ARG A 111 20.63 22.76 -22.23
CA ARG A 111 20.63 22.77 -22.21
C ARG A 111 21.65 21.72 -21.74
C ARG A 111 21.60 21.66 -21.76
N ASN A 112 21.61 21.34 -20.46
CA ASN A 112 22.49 20.29 -19.86
C ASN A 112 21.87 18.90 -20.01
N LYS A 113 20.78 18.78 -20.77
N LYS A 113 20.76 18.78 -20.75
CA LYS A 113 20.11 17.50 -21.14
CA LYS A 113 20.10 17.51 -21.15
C LYS A 113 19.66 16.75 -19.87
C LYS A 113 19.55 16.76 -19.92
N LYS A 114 19.26 17.49 -18.83
CA LYS A 114 18.70 16.90 -17.58
C LYS A 114 17.18 17.01 -17.65
N PHE A 115 16.55 16.18 -18.47
CA PHE A 115 15.13 16.38 -18.87
C PHE A 115 14.20 16.02 -17.70
N ALA A 116 14.47 14.96 -16.95
CA ALA A 116 13.69 14.60 -15.76
C ALA A 116 13.72 15.78 -14.77
N GLN A 117 14.91 16.31 -14.52
CA GLN A 117 15.08 17.48 -13.62
C GLN A 117 14.31 18.70 -14.17
N ALA A 118 14.41 18.97 -15.47
CA ALA A 118 13.68 20.11 -16.09
C ALA A 118 12.17 19.92 -15.94
N SER A 119 11.69 18.67 -16.00
CA SER A 119 10.26 18.33 -15.89
C SER A 119 9.70 18.74 -14.52
N ASP A 120 10.54 18.77 -13.47
CA ASP A 120 10.07 19.18 -12.13
C ASP A 120 9.66 20.65 -12.14
N ILE A 121 10.32 21.48 -12.93
CA ILE A 121 9.96 22.92 -13.09
C ILE A 121 8.75 23.01 -14.03
N LEU A 122 8.83 22.32 -15.17
CA LEU A 122 7.83 22.52 -16.24
C LEU A 122 6.46 22.07 -15.76
N ARG A 123 6.37 20.97 -14.99
CA ARG A 123 5.03 20.48 -14.54
C ARG A 123 4.34 21.57 -13.70
N LEU A 124 5.11 22.30 -12.90
CA LEU A 124 4.56 23.35 -12.00
C LEU A 124 4.10 24.55 -12.84
N LEU A 125 4.89 24.94 -13.84
CA LEU A 125 4.55 26.10 -14.70
C LEU A 125 3.25 25.78 -15.48
N VAL A 126 3.11 24.56 -15.99
CA VAL A 126 1.90 24.19 -16.76
C VAL A 126 0.68 24.23 -15.82
N LEU A 127 0.81 23.70 -14.61
CA LEU A 127 -0.30 23.74 -13.62
C LEU A 127 -0.60 25.19 -13.24
N LYS A 128 0.42 26.03 -13.02
CA LYS A 128 0.20 27.46 -12.70
C LYS A 128 -0.68 28.11 -13.77
N TYR A 129 -0.36 27.90 -15.04
CA TYR A 129 -0.99 28.64 -16.17
C TYR A 129 -2.31 27.99 -16.61
N GLU A 130 -2.56 26.71 -16.32
CA GLU A 130 -3.76 26.01 -16.87
C GLU A 130 -4.61 25.33 -15.79
N GLY A 131 -4.03 24.95 -14.66
CA GLY A 131 -4.66 23.99 -13.74
C GLY A 131 -4.85 22.65 -14.45
N GLY A 132 -5.53 21.72 -13.78
CA GLY A 132 -5.73 20.34 -14.26
C GLY A 132 -4.88 19.38 -13.48
N ILE A 133 -4.50 18.27 -14.08
CA ILE A 133 -3.76 17.17 -13.41
C ILE A 133 -2.47 16.90 -14.19
N TYR A 134 -1.33 17.07 -13.52
CA TYR A 134 -0.04 16.63 -14.10
C TYR A 134 0.21 15.18 -13.67
N LYS A 135 0.65 14.34 -14.61
CA LYS A 135 1.11 12.97 -14.28
C LYS A 135 2.40 12.67 -15.06
N ASP A 136 3.37 12.06 -14.40
CA ASP A 136 4.58 11.50 -15.04
C ASP A 136 4.15 10.51 -16.12
N ILE A 137 4.95 10.44 -17.18
CA ILE A 137 4.71 9.56 -18.34
C ILE A 137 4.74 8.10 -17.89
N ASP A 138 5.46 7.81 -16.80
CA ASP A 138 5.75 6.45 -16.30
C ASP A 138 4.82 6.08 -15.13
N ASP A 139 3.89 6.95 -14.76
CA ASP A 139 2.91 6.66 -13.68
C ASP A 139 1.71 5.91 -14.25
N ILE A 140 1.17 4.98 -13.47
CA ILE A 140 0.11 4.03 -13.90
C ILE A 140 -1.24 4.63 -13.53
N GLN A 141 -2.13 4.77 -14.51
CA GLN A 141 -3.54 5.14 -14.26
C GLN A 141 -4.27 3.88 -13.76
N ILE A 142 -4.72 3.90 -12.51
CA ILE A 142 -5.45 2.76 -11.87
C ILE A 142 -6.87 2.76 -12.43
N LYS A 143 -7.52 3.92 -12.37
CA LYS A 143 -8.92 4.11 -12.85
C LYS A 143 -9.11 5.58 -13.24
N GLY A 144 -10.21 5.89 -13.92
CA GLY A 144 -10.56 7.25 -14.35
C GLY A 144 -10.68 8.18 -13.16
N PHE A 145 -10.20 9.41 -13.29
CA PHE A 145 -10.30 10.47 -12.26
C PHE A 145 -11.77 10.86 -12.02
N GLY A 146 -12.59 10.87 -13.08
CA GLY A 146 -13.93 11.46 -13.05
C GLY A 146 -13.86 12.93 -12.66
N SER A 147 -14.94 13.47 -12.10
CA SER A 147 -15.01 14.89 -11.65
C SER A 147 -14.38 14.99 -10.27
N LEU A 148 -13.24 15.67 -10.15
CA LEU A 148 -12.50 15.83 -8.87
C LEU A 148 -12.62 17.29 -8.39
N ALA A 149 -12.66 17.45 -7.08
CA ALA A 149 -12.64 18.75 -6.38
C ALA A 149 -11.88 18.55 -5.06
N PHE A 150 -10.97 19.47 -4.73
CA PHE A 150 -10.08 19.34 -3.55
C PHE A 150 -10.18 20.59 -2.69
N PRO A 151 -10.11 20.44 -1.35
CA PRO A 151 -9.92 21.58 -0.46
C PRO A 151 -8.68 22.35 -0.93
N LYS A 152 -8.75 23.69 -0.93
CA LYS A 152 -7.64 24.60 -1.32
CA LYS A 152 -7.64 24.60 -1.32
C LYS A 152 -7.20 24.32 -2.76
N GLY A 153 -8.03 23.60 -3.54
CA GLY A 153 -7.78 23.30 -4.96
C GLY A 153 -6.48 22.56 -5.21
N ILE A 154 -6.05 21.70 -4.29
CA ILE A 154 -4.78 20.94 -4.43
C ILE A 154 -5.07 19.47 -4.09
N GLY A 155 -4.65 18.56 -4.97
CA GLY A 155 -4.80 17.12 -4.78
C GLY A 155 -3.47 16.41 -5.00
N VAL A 156 -3.13 15.50 -4.10
CA VAL A 156 -1.82 14.80 -4.12
C VAL A 156 -2.07 13.34 -3.74
N MET A 157 -1.05 12.51 -3.91
CA MET A 157 -1.07 11.13 -3.35
C MET A 157 -0.44 11.16 -1.95
N ARG A 158 -0.61 10.07 -1.23
CA ARG A 158 -0.08 9.95 0.15
C ARG A 158 1.44 10.11 0.15
N GLU A 159 1.94 10.81 1.16
CA GLU A 159 3.38 10.89 1.45
C GLU A 159 3.90 9.52 1.88
N TYR A 160 5.20 9.32 1.71
CA TYR A 160 5.94 8.13 2.17
C TYR A 160 7.41 8.48 2.16
N VAL A 161 8.22 7.68 2.83
CA VAL A 161 9.71 7.87 2.85
C VAL A 161 10.23 7.28 1.55
N PRO A 162 10.80 8.11 0.63
CA PRO A 162 11.30 7.59 -0.64
C PRO A 162 12.54 6.71 -0.42
N GLU A 163 12.93 5.97 -1.48
CA GLU A 163 14.10 5.06 -1.47
C GLU A 163 15.33 5.82 -0.98
N ALA A 164 16.02 5.30 0.03
CA ALA A 164 17.27 5.85 0.62
C ALA A 164 17.00 7.24 1.22
N GLY A 165 15.74 7.56 1.54
CA GLY A 165 15.31 8.85 2.11
C GLY A 165 15.21 8.76 3.62
N LYS A 166 15.13 9.92 4.29
CA LYS A 166 15.03 10.05 5.76
C LYS A 166 13.59 10.38 6.15
N SER A 167 13.06 11.47 5.58
CA SER A 167 11.72 12.04 5.92
C SER A 167 10.70 11.70 4.83
N ALA A 168 9.42 11.61 5.23
CA ALA A 168 8.28 11.44 4.31
C ALA A 168 8.20 12.64 3.36
N ALA A 169 7.95 12.37 2.09
CA ALA A 169 7.71 13.41 1.06
C ALA A 169 6.45 13.04 0.29
N PHE A 170 5.63 14.04 0.00
CA PHE A 170 4.56 13.89 -1.02
C PHE A 170 5.24 13.76 -2.37
N PRO A 171 4.88 12.76 -3.19
CA PRO A 171 5.40 12.69 -4.55
C PRO A 171 4.91 13.92 -5.34
N ASN A 172 5.74 14.42 -6.26
CA ASN A 172 5.37 15.58 -7.10
C ASN A 172 4.77 15.09 -8.43
N SER A 173 4.30 13.85 -8.47
CA SER A 173 3.41 13.32 -9.54
C SER A 173 2.53 12.25 -8.92
N PRO A 174 1.22 12.18 -9.24
CA PRO A 174 0.47 13.22 -9.96
C PRO A 174 0.17 14.41 -9.03
N ILE A 175 -0.16 15.55 -9.61
CA ILE A 175 -0.64 16.74 -8.87
C ILE A 175 -1.88 17.25 -9.56
N ALA A 176 -2.97 17.41 -8.82
CA ALA A 176 -4.20 18.09 -9.28
C ALA A 176 -4.19 19.51 -8.72
N ALA A 177 -4.45 20.52 -9.55
CA ALA A 177 -4.39 21.91 -9.04
C ALA A 177 -5.40 22.79 -9.76
N THR A 178 -6.01 23.69 -9.01
CA THR A 178 -6.69 24.87 -9.60
C THR A 178 -5.61 25.71 -10.30
N LYS A 179 -6.01 26.49 -11.28
CA LYS A 179 -5.10 27.44 -11.97
CA LYS A 179 -5.12 27.46 -11.98
C LYS A 179 -4.55 28.43 -10.93
N ASN A 180 -3.26 28.77 -11.05
CA ASN A 180 -2.60 29.79 -10.19
C ASN A 180 -2.70 29.38 -8.71
N ASN A 181 -2.51 28.09 -8.42
CA ASN A 181 -2.68 27.55 -7.05
C ASN A 181 -1.52 28.02 -6.17
N PRO A 182 -1.81 28.54 -4.95
CA PRO A 182 -0.76 28.98 -4.04
C PRO A 182 0.34 27.95 -3.72
N VAL A 183 -0.01 26.66 -3.64
CA VAL A 183 0.97 25.57 -3.35
C VAL A 183 1.94 25.45 -4.53
N VAL A 184 1.41 25.47 -5.75
CA VAL A 184 2.22 25.40 -7.00
C VAL A 184 3.12 26.64 -7.06
N ASN A 185 2.57 27.82 -6.78
CA ASN A 185 3.34 29.09 -6.80
C ASN A 185 4.45 29.05 -5.75
N LYS A 186 4.16 28.54 -4.55
CA LYS A 186 5.17 28.47 -3.47
C LYS A 186 6.28 27.50 -3.89
N THR A 187 5.95 26.36 -4.49
CA THR A 187 6.97 25.37 -4.93
C THR A 187 7.89 26.05 -5.96
N LEU A 188 7.34 26.81 -6.89
CA LEU A 188 8.16 27.55 -7.90
C LEU A 188 9.03 28.61 -7.21
N GLU A 189 8.51 29.30 -6.20
CA GLU A 189 9.27 30.33 -5.46
C GLU A 189 10.46 29.66 -4.76
N LEU A 190 10.24 28.53 -4.09
CA LEU A 190 11.31 27.81 -3.37
C LEU A 190 12.35 27.29 -4.39
N ALA A 191 11.88 26.79 -5.53
CA ALA A 191 12.76 26.26 -6.61
C ALA A 191 13.65 27.38 -7.15
N VAL A 192 13.07 28.55 -7.44
CA VAL A 192 13.85 29.70 -7.98
C VAL A 192 14.96 30.05 -6.99
N GLU A 193 14.66 30.09 -5.69
CA GLU A 193 15.68 30.38 -4.66
C GLU A 193 16.76 29.28 -4.70
N ASN A 194 16.37 28.01 -4.74
CA ASN A 194 17.34 26.88 -4.72
C ASN A 194 18.29 27.01 -5.92
N TYR A 195 17.75 27.26 -7.11
CA TYR A 195 18.55 27.43 -8.34
C TYR A 195 19.41 28.70 -8.27
N ARG A 196 18.86 29.81 -7.78
CA ARG A 196 19.61 31.09 -7.69
C ARG A 196 20.80 30.92 -6.73
N HIS A 197 20.64 30.10 -5.69
CA HIS A 197 21.71 29.77 -4.71
C HIS A 197 22.74 28.81 -5.31
N GLY A 198 22.54 28.33 -6.54
CA GLY A 198 23.47 27.42 -7.22
C GLY A 198 23.49 26.04 -6.57
N GLU A 199 22.35 25.61 -6.01
CA GLU A 199 22.22 24.31 -5.31
C GLU A 199 22.61 23.17 -6.28
N LYS A 200 23.47 22.27 -5.83
CA LYS A 200 23.93 21.06 -6.58
C LYS A 200 23.16 19.82 -6.11
N ASN A 201 22.68 19.82 -4.86
CA ASN A 201 21.94 18.69 -4.24
C ASN A 201 20.59 18.53 -4.96
N VAL A 202 20.42 17.42 -5.69
CA VAL A 202 19.25 17.17 -6.57
C VAL A 202 17.97 17.02 -5.71
N LEU A 203 18.09 16.79 -4.41
CA LEU A 203 16.94 16.70 -3.47
C LEU A 203 16.50 18.09 -3.01
N LYS A 204 17.21 19.15 -3.42
CA LYS A 204 16.96 20.54 -2.97
C LYS A 204 16.81 21.46 -4.18
N LEU A 205 16.06 21.04 -5.19
CA LEU A 205 15.83 21.87 -6.41
C LEU A 205 14.33 22.12 -6.55
N ALA A 206 13.58 21.26 -7.23
CA ALA A 206 12.12 21.42 -7.41
C ALA A 206 11.39 20.09 -7.25
N GLY A 207 12.03 19.11 -6.62
CA GLY A 207 11.50 17.74 -6.48
C GLY A 207 10.57 17.59 -5.28
N PRO A 208 10.20 16.33 -4.95
CA PRO A 208 9.25 16.04 -3.87
C PRO A 208 9.52 16.72 -2.52
N ASP A 209 10.78 16.84 -2.12
CA ASP A 209 11.14 17.47 -0.82
C ASP A 209 10.76 18.95 -0.86
N VAL A 210 10.90 19.59 -2.01
CA VAL A 210 10.60 21.05 -2.18
C VAL A 210 9.08 21.23 -2.27
N PHE A 211 8.41 20.39 -3.06
CA PHE A 211 6.92 20.35 -3.12
C PHE A 211 6.34 20.14 -1.71
N THR A 212 6.93 19.21 -0.92
CA THR A 212 6.47 18.88 0.45
C THR A 212 6.61 20.13 1.34
N LYS A 213 7.75 20.82 1.27
CA LYS A 213 8.02 22.07 2.04
C LYS A 213 6.96 23.12 1.68
N ALA A 214 6.64 23.29 0.40
CA ALA A 214 5.62 24.25 -0.08
C ALA A 214 4.25 23.90 0.49
N LEU A 215 3.87 22.62 0.42
N LEU A 215 3.89 22.61 0.47
CA LEU A 215 2.60 22.09 0.98
CA LEU A 215 2.57 22.13 0.97
C LEU A 215 2.50 22.45 2.46
C LEU A 215 2.47 22.41 2.48
N TYR A 216 3.53 22.13 3.24
CA TYR A 216 3.59 22.38 4.70
C TYR A 216 3.50 23.88 5.00
N GLN A 217 4.13 24.73 4.19
CA GLN A 217 4.11 26.20 4.40
C GLN A 217 2.69 26.74 4.13
N GLU A 218 2.04 26.30 3.05
CA GLU A 218 0.72 26.83 2.62
C GLU A 218 -0.42 26.19 3.43
N ILE A 219 -0.28 24.92 3.81
CA ILE A 219 -1.35 24.12 4.48
C ILE A 219 -0.70 23.35 5.63
N PRO A 220 -0.40 24.05 6.75
CA PRO A 220 0.38 23.46 7.84
C PRO A 220 -0.10 22.09 8.33
N GLY A 221 -1.41 21.89 8.39
CA GLY A 221 -2.04 20.63 8.88
C GLY A 221 -1.76 19.43 7.98
N MET A 222 -1.15 19.64 6.82
CA MET A 222 -0.74 18.51 5.94
C MET A 222 0.40 17.74 6.59
N CYS A 223 1.17 18.39 7.48
CA CYS A 223 2.15 17.71 8.37
C CYS A 223 1.37 16.99 9.48
N SER A 224 1.55 15.67 9.59
N SER A 224 1.56 15.67 9.59
CA SER A 224 0.83 14.81 10.58
CA SER A 224 0.86 14.79 10.56
C SER A 224 1.04 15.34 12.00
C SER A 224 1.06 15.32 11.99
N GLN A 225 2.24 15.87 12.29
CA GLN A 225 2.59 16.41 13.64
C GLN A 225 1.78 17.69 13.92
N VAL A 226 1.69 18.61 12.94
CA VAL A 226 0.92 19.88 13.08
C VAL A 226 -0.57 19.55 13.24
N LEU A 227 -1.10 18.60 12.46
CA LEU A 227 -2.51 18.16 12.60
C LEU A 227 -2.71 17.62 14.03
N GLY A 228 -1.73 16.87 14.54
CA GLY A 228 -1.70 16.40 15.94
C GLY A 228 -1.91 17.55 16.91
N THR A 229 -1.19 18.66 16.72
CA THR A 229 -1.28 19.87 17.61
C THR A 229 -2.65 20.53 17.45
N GLN A 230 -3.23 20.51 16.23
CA GLN A 230 -4.59 21.07 15.98
C GLN A 230 -5.63 20.22 16.73
N LEU A 231 -5.52 18.89 16.64
CA LEU A 231 -6.41 17.93 17.37
C LEU A 231 -6.29 18.19 18.89
N GLU A 232 -5.08 18.44 19.39
CA GLU A 232 -4.84 18.72 20.82
C GLU A 232 -5.53 20.03 21.23
N GLN A 233 -5.56 21.04 20.35
CA GLN A 233 -6.24 22.33 20.59
C GLN A 233 -7.75 22.10 20.72
N PHE A 234 -8.34 21.25 19.87
CA PHE A 234 -9.78 20.86 19.96
C PHE A 234 -10.03 20.07 21.25
N GLU A 235 -9.11 19.18 21.63
CA GLU A 235 -9.21 18.41 22.90
C GLU A 235 -9.30 19.37 24.08
N LEU A 236 -8.47 20.44 24.09
CA LEU A 236 -8.49 21.50 25.13
C LEU A 236 -9.85 22.21 25.13
N ALA A 237 -10.36 22.57 23.96
CA ALA A 237 -11.68 23.24 23.79
C ALA A 237 -12.80 22.34 24.35
N LYS A 238 -12.69 21.02 24.16
CA LYS A 238 -13.69 20.04 24.68
C LYS A 238 -13.60 20.02 26.21
N ARG A 239 -12.40 20.03 26.77
CA ARG A 239 -12.19 20.11 28.24
C ARG A 239 -12.86 21.38 28.78
N GLN A 240 -12.70 22.50 28.08
CA GLN A 240 -13.30 23.82 28.47
C GLN A 240 -14.82 23.74 28.38
N ALA A 241 -15.37 23.07 27.37
CA ALA A 241 -16.83 22.89 27.17
C ALA A 241 -17.43 22.13 28.36
N LEU A 242 -16.75 21.08 28.82
CA LEU A 242 -17.27 20.12 29.83
C LEU A 242 -16.95 20.59 31.26
N LYS A 243 -16.06 21.59 31.43
CA LYS A 243 -15.64 22.11 32.76
C LYS A 243 -16.68 23.11 33.28
N ASP A 254 -14.40 10.98 28.46
CA ASP A 254 -15.50 11.93 28.15
C ASP A 254 -14.96 13.23 27.55
N GLU A 255 -13.77 13.68 27.99
CA GLU A 255 -13.14 14.95 27.56
C GLU A 255 -12.16 14.71 26.40
N GLN A 256 -11.93 13.45 26.01
CA GLN A 256 -11.12 13.08 24.83
C GLN A 256 -11.97 13.19 23.56
N LEU A 257 -11.35 13.50 22.43
CA LEU A 257 -12.04 13.57 21.11
C LEU A 257 -12.51 12.16 20.73
N THR A 258 -13.75 12.04 20.26
CA THR A 258 -14.30 10.78 19.68
C THR A 258 -13.65 10.53 18.32
N LEU A 259 -13.78 9.31 17.79
CA LEU A 259 -13.32 8.93 16.43
C LEU A 259 -13.94 9.89 15.40
N GLN A 260 -15.25 10.13 15.52
N GLN A 260 -15.25 10.13 15.51
CA GLN A 260 -16.04 11.00 14.62
CA GLN A 260 -16.02 11.01 14.59
C GLN A 260 -15.49 12.43 14.66
C GLN A 260 -15.47 12.44 14.66
N GLU A 261 -15.23 12.96 15.86
CA GLU A 261 -14.71 14.34 16.07
C GLU A 261 -13.34 14.48 15.39
N LYS A 262 -12.43 13.53 15.60
CA LYS A 262 -11.07 13.54 15.00
C LYS A 262 -11.19 13.47 13.47
N ALA A 263 -12.08 12.61 12.95
CA ALA A 263 -12.32 12.43 11.50
C ALA A 263 -12.80 13.75 10.89
N LYS A 264 -13.70 14.46 11.57
CA LYS A 264 -14.24 15.77 11.13
C LYS A 264 -13.10 16.80 11.09
N ILE A 265 -12.32 16.93 12.15
CA ILE A 265 -11.22 17.93 12.28
C ILE A 265 -10.15 17.66 11.21
N SER A 266 -9.95 16.40 10.82
CA SER A 266 -8.88 15.94 9.90
C SER A 266 -9.38 15.89 8.44
N ARG A 267 -10.67 16.11 8.21
CA ARG A 267 -11.36 15.81 6.93
C ARG A 267 -10.62 16.44 5.75
N PRO A 268 -10.41 17.77 5.70
CA PRO A 268 -9.84 18.39 4.51
C PRO A 268 -8.43 17.87 4.18
N TYR A 269 -7.64 17.53 5.20
CA TYR A 269 -6.24 17.06 5.04
C TYR A 269 -6.23 15.66 4.41
N LYS A 270 -7.17 14.80 4.81
N LYS A 270 -7.17 14.80 4.81
CA LYS A 270 -7.37 13.46 4.22
CA LYS A 270 -7.35 13.46 4.22
C LYS A 270 -7.86 13.59 2.78
C LYS A 270 -7.83 13.61 2.76
N ALA A 271 -8.76 14.55 2.52
CA ALA A 271 -9.33 14.82 1.18
C ALA A 271 -8.25 15.28 0.20
N ILE A 272 -7.28 16.07 0.67
CA ILE A 272 -6.19 16.59 -0.19
C ILE A 272 -5.34 15.41 -0.69
N ARG A 273 -5.30 14.29 0.03
CA ARG A 273 -4.53 13.08 -0.39
C ARG A 273 -5.36 12.18 -1.31
N GLY A 274 -6.43 12.72 -1.92
CA GLY A 274 -7.44 11.95 -2.66
C GLY A 274 -6.99 11.43 -4.02
N LEU A 275 -5.81 11.78 -4.54
CA LEU A 275 -5.31 11.17 -5.80
C LEU A 275 -4.73 9.77 -5.53
N SER A 276 -4.59 9.38 -4.27
CA SER A 276 -3.97 8.10 -3.85
C SER A 276 -4.60 6.92 -4.59
N GLU A 277 -5.92 6.90 -4.76
CA GLU A 277 -6.65 5.72 -5.32
C GLU A 277 -6.62 5.70 -6.86
N TYR A 278 -6.19 6.78 -7.52
CA TYR A 278 -6.37 6.95 -8.99
C TYR A 278 -5.10 6.62 -9.77
N VAL A 279 -3.92 6.82 -9.16
CA VAL A 279 -2.62 6.67 -9.85
C VAL A 279 -1.67 5.87 -8.96
N CYS A 280 -0.87 5.02 -9.57
CA CYS A 280 0.26 4.31 -8.90
C CYS A 280 1.58 4.74 -9.54
N ASN A 281 2.54 5.20 -8.74
CA ASN A 281 3.87 5.63 -9.26
C ASN A 281 4.90 4.50 -9.12
N GLY A 282 4.48 3.30 -8.68
CA GLY A 282 5.33 2.10 -8.63
C GLY A 282 6.32 2.11 -7.47
N ALA A 283 6.34 3.16 -6.65
CA ALA A 283 7.28 3.30 -5.50
C ALA A 283 7.00 2.18 -4.49
N ASP A 284 5.76 1.67 -4.48
CA ASP A 284 5.27 0.65 -3.52
C ASP A 284 5.31 -0.75 -4.16
N HIS A 285 6.03 -0.92 -5.26
CA HIS A 285 6.14 -2.22 -5.98
C HIS A 285 7.30 -3.04 -5.39
N SER A 286 7.14 -4.37 -5.37
CA SER A 286 8.16 -5.32 -4.86
C SER A 286 9.48 -5.13 -5.62
N GLY B 1 11.42 -39.95 -28.08
CA GLY B 1 11.78 -39.65 -26.65
C GLY B 1 11.96 -40.92 -25.84
N SER B 2 11.89 -40.80 -24.51
CA SER B 2 12.18 -41.85 -23.50
C SER B 2 11.22 -41.77 -22.31
N MET B 3 10.55 -42.87 -21.99
CA MET B 3 9.67 -42.99 -20.78
C MET B 3 10.54 -43.11 -19.52
N GLN B 4 11.78 -43.57 -19.65
CA GLN B 4 12.78 -43.55 -18.54
C GLN B 4 13.00 -42.09 -18.12
N TYR B 5 13.35 -41.23 -19.08
CA TYR B 5 13.55 -39.77 -18.89
C TYR B 5 12.26 -39.15 -18.33
N PHE B 6 11.10 -39.46 -18.92
CA PHE B 6 9.80 -38.88 -18.50
C PHE B 6 9.55 -39.18 -17.02
N ALA B 7 9.67 -40.45 -16.61
CA ALA B 7 9.44 -40.89 -15.21
C ALA B 7 10.38 -40.12 -14.28
N GLN B 8 11.60 -39.84 -14.74
CA GLN B 8 12.65 -39.14 -13.95
C GLN B 8 12.26 -37.66 -13.77
N ILE B 9 11.71 -37.00 -14.80
CA ILE B 9 11.27 -35.58 -14.77
CA ILE B 9 11.32 -35.57 -14.69
C ILE B 9 10.06 -35.44 -13.84
N VAL B 10 9.19 -36.46 -13.83
CA VAL B 10 7.98 -36.51 -12.94
C VAL B 10 8.48 -36.59 -11.49
N ASN B 11 9.45 -37.47 -11.21
CA ASN B 11 10.05 -37.65 -9.86
C ASN B 11 10.75 -36.35 -9.43
N ARG B 12 11.45 -35.68 -10.36
CA ARG B 12 12.15 -34.39 -10.10
C ARG B 12 11.12 -33.34 -9.68
N GLU B 13 9.99 -33.27 -10.39
CA GLU B 13 8.90 -32.29 -10.17
C GLU B 13 8.28 -32.49 -8.78
N GLU B 14 8.12 -33.75 -8.36
CA GLU B 14 7.52 -34.13 -7.05
C GLU B 14 8.37 -33.58 -5.90
N ASN B 15 9.69 -33.59 -6.06
CA ASN B 15 10.68 -33.34 -4.96
C ASN B 15 11.38 -31.98 -5.17
N LYS B 16 10.81 -31.10 -6.00
CA LYS B 16 11.47 -29.84 -6.44
C LYS B 16 11.65 -28.87 -5.27
N TRP B 17 10.72 -28.86 -4.30
CA TRP B 17 10.74 -27.94 -3.13
C TRP B 17 10.79 -28.75 -1.84
N PRO B 18 11.99 -29.04 -1.29
CA PRO B 18 12.12 -29.76 -0.04
C PRO B 18 11.33 -29.10 1.11
N SER B 19 10.72 -29.91 1.97
CA SER B 19 9.87 -29.46 3.11
C SER B 19 10.75 -28.79 4.16
N GLU B 20 10.52 -27.49 4.41
CA GLU B 20 11.29 -26.65 5.36
C GLU B 20 10.61 -26.69 6.73
N PRO B 21 11.33 -27.09 7.82
CA PRO B 21 10.70 -27.18 9.14
CA PRO B 21 10.71 -27.17 9.15
C PRO B 21 10.20 -25.82 9.66
N ILE B 22 9.11 -25.84 10.42
CA ILE B 22 8.44 -24.64 11.01
C ILE B 22 8.84 -24.54 12.48
N ASN B 23 9.25 -23.35 12.91
CA ASN B 23 9.58 -23.06 14.33
C ASN B 23 8.38 -23.41 15.21
N LYS B 24 8.61 -24.00 16.38
CA LYS B 24 7.52 -24.46 17.28
C LYS B 24 7.09 -23.30 18.18
N TYR B 25 6.60 -22.22 17.55
CA TYR B 25 5.92 -21.08 18.20
C TYR B 25 4.50 -21.02 17.68
N ILE B 26 3.51 -20.92 18.58
CA ILE B 26 2.11 -20.56 18.21
C ILE B 26 1.88 -19.12 18.66
N HIS B 27 1.68 -18.23 17.69
CA HIS B 27 1.40 -16.79 17.93
C HIS B 27 -0.11 -16.56 17.83
N MET B 28 -0.70 -15.98 18.86
CA MET B 28 -2.10 -15.49 18.81
C MET B 28 -2.12 -14.04 19.24
N ILE B 29 -3.18 -13.33 18.91
CA ILE B 29 -3.28 -11.87 19.11
C ILE B 29 -4.55 -11.59 19.91
N TRP B 30 -4.41 -10.85 20.98
CA TRP B 30 -5.59 -10.22 21.62
C TRP B 30 -5.22 -8.81 22.03
N ILE B 31 -5.47 -7.88 21.12
CA ILE B 31 -5.14 -6.44 21.32
C ILE B 31 -6.44 -5.69 21.61
N GLY B 32 -6.31 -4.54 22.27
CA GLY B 32 -7.43 -3.64 22.54
C GLY B 32 -7.91 -3.74 23.98
N PRO B 33 -8.83 -2.84 24.37
CA PRO B 33 -9.26 -2.72 25.75
C PRO B 33 -10.38 -3.65 26.22
N LYS B 34 -11.02 -4.36 25.29
N LYS B 34 -10.98 -4.40 25.29
CA LYS B 34 -12.13 -5.31 25.58
CA LYS B 34 -12.11 -5.33 25.58
C LYS B 34 -11.53 -6.60 26.13
C LYS B 34 -11.56 -6.66 26.08
N ASN B 35 -12.21 -7.24 27.10
CA ASN B 35 -11.80 -8.54 27.70
C ASN B 35 -12.01 -9.65 26.67
N ILE B 36 -11.05 -10.58 26.60
CA ILE B 36 -11.16 -11.85 25.82
C ILE B 36 -12.40 -12.60 26.31
N SER B 37 -13.16 -13.21 25.41
CA SER B 37 -14.41 -13.95 25.74
C SER B 37 -14.07 -15.26 26.46
N ASP B 38 -15.00 -15.77 27.28
CA ASP B 38 -14.89 -17.09 27.93
C ASP B 38 -14.64 -18.17 26.86
N LYS B 39 -15.34 -18.10 25.73
CA LYS B 39 -15.18 -19.07 24.61
C LYS B 39 -13.72 -19.06 24.14
N ASN B 40 -13.15 -17.89 23.92
CA ASN B 40 -11.80 -17.76 23.31
C ASN B 40 -10.72 -18.09 24.35
N ILE B 41 -11.01 -17.89 25.64
CA ILE B 41 -10.13 -18.40 26.73
C ILE B 41 -10.07 -19.94 26.63
N ARG B 42 -11.23 -20.59 26.53
N ARG B 42 -11.23 -20.59 26.53
CA ARG B 42 -11.34 -22.07 26.42
CA ARG B 42 -11.32 -22.08 26.44
C ARG B 42 -10.54 -22.56 25.20
C ARG B 42 -10.56 -22.57 25.19
N LEU B 43 -10.76 -21.94 24.04
CA LEU B 43 -10.09 -22.34 22.77
C LEU B 43 -8.58 -22.15 22.89
N SER B 44 -8.14 -21.09 23.57
CA SER B 44 -6.70 -20.75 23.76
C SER B 44 -6.04 -21.78 24.68
N LEU B 45 -6.70 -22.14 25.78
CA LEU B 45 -6.20 -23.18 26.72
C LEU B 45 -6.06 -24.51 25.95
N GLN B 46 -7.05 -24.85 25.13
CA GLN B 46 -7.03 -26.10 24.32
CA GLN B 46 -7.04 -26.10 24.31
C GLN B 46 -5.86 -26.06 23.33
N THR B 47 -5.66 -24.92 22.67
CA THR B 47 -4.55 -24.72 21.70
C THR B 47 -3.23 -25.07 22.40
N ALA B 48 -2.99 -24.49 23.57
CA ALA B 48 -1.75 -24.67 24.36
C ALA B 48 -1.63 -26.14 24.81
N GLN B 49 -2.72 -26.70 25.34
CA GLN B 49 -2.74 -28.07 25.94
CA GLN B 49 -2.74 -28.07 25.94
C GLN B 49 -2.42 -29.12 24.89
N LYS B 50 -2.92 -28.95 23.66
CA LYS B 50 -2.74 -29.93 22.55
C LYS B 50 -1.34 -29.81 21.95
N ASN B 51 -0.58 -28.76 22.30
CA ASN B 51 0.75 -28.47 21.70
C ASN B 51 1.77 -28.23 22.81
N PRO B 52 2.10 -29.26 23.62
CA PRO B 52 3.09 -29.11 24.70
C PRO B 52 4.52 -28.83 24.17
N ASP B 53 4.79 -29.21 22.93
CA ASP B 53 6.11 -29.04 22.25
C ASP B 53 6.20 -27.66 21.59
N TYR B 54 5.15 -26.82 21.71
CA TYR B 54 5.13 -25.43 21.18
C TYR B 54 5.09 -24.43 22.34
N SER B 55 5.75 -23.28 22.16
CA SER B 55 5.56 -22.06 22.97
C SER B 55 4.35 -21.30 22.43
N THR B 56 3.24 -21.27 23.17
CA THR B 56 2.00 -20.54 22.78
C THR B 56 1.98 -19.18 23.48
N THR B 57 1.83 -18.10 22.71
CA THR B 57 1.80 -16.72 23.23
C THR B 57 0.52 -16.04 22.75
N ILE B 58 -0.03 -15.15 23.59
CA ILE B 58 -1.05 -14.16 23.17
C ILE B 58 -0.39 -12.79 23.20
N ILE B 59 -0.34 -12.15 22.04
CA ILE B 59 0.29 -10.82 21.84
C ILE B 59 -0.75 -9.74 22.10
N TYR B 60 -0.45 -8.82 23.01
CA TYR B 60 -1.26 -7.60 23.24
C TYR B 60 -0.40 -6.41 22.87
N ASP B 61 -0.94 -5.20 23.01
CA ASP B 61 -0.23 -3.97 22.60
C ASP B 61 -0.48 -2.87 23.66
N SER B 62 0.57 -2.49 24.37
CA SER B 62 0.52 -1.41 25.39
C SER B 62 0.43 -0.03 24.73
N GLY B 63 0.55 0.04 23.41
CA GLY B 63 0.39 1.28 22.62
C GLY B 63 -1.06 1.68 22.44
N ILE B 64 -2.00 0.86 22.93
CA ILE B 64 -3.47 1.13 22.84
C ILE B 64 -3.93 1.70 24.19
N SER B 65 -4.56 2.88 24.19
CA SER B 65 -5.03 3.59 25.42
C SER B 65 -6.02 2.71 26.17
N GLY B 66 -5.75 2.45 27.45
CA GLY B 66 -6.63 1.67 28.35
C GLY B 66 -6.53 0.17 28.11
N TYR B 67 -5.39 -0.30 27.59
CA TYR B 67 -5.10 -1.74 27.33
C TYR B 67 -4.90 -2.51 28.65
N GLU B 68 -4.60 -1.84 29.77
CA GLU B 68 -4.12 -2.52 31.02
C GLU B 68 -5.20 -3.46 31.57
N ALA B 69 -6.47 -3.03 31.62
CA ALA B 69 -7.56 -3.82 32.24
C ALA B 69 -7.72 -5.15 31.49
N ALA B 70 -7.66 -5.12 30.16
CA ALA B 70 -7.76 -6.33 29.32
C ALA B 70 -6.56 -7.25 29.54
N ARG B 71 -5.34 -6.69 29.65
CA ARG B 71 -4.12 -7.50 29.91
C ARG B 71 -4.21 -8.12 31.30
N ASN B 72 -4.62 -7.35 32.30
CA ASN B 72 -4.77 -7.85 33.70
C ASN B 72 -5.80 -8.97 33.72
N PHE B 73 -6.91 -8.78 33.02
CA PHE B 73 -8.02 -9.77 32.97
C PHE B 73 -7.49 -11.12 32.44
N MET B 74 -6.84 -11.14 31.28
CA MET B 74 -6.43 -12.44 30.69
C MET B 74 -5.17 -12.97 31.41
N SER B 75 -4.37 -12.11 32.07
CA SER B 75 -3.25 -12.56 32.93
CA SER B 75 -3.27 -12.55 32.94
CA SER B 75 -3.25 -12.56 32.94
C SER B 75 -3.79 -13.50 34.01
N GLU B 76 -4.90 -13.11 34.66
CA GLU B 76 -5.59 -13.92 35.69
C GLU B 76 -6.13 -15.20 35.06
N LYS B 77 -6.80 -15.12 33.90
CA LYS B 77 -7.55 -16.26 33.30
C LYS B 77 -6.57 -17.33 32.79
N PHE B 78 -5.35 -16.95 32.40
CA PHE B 78 -4.32 -17.85 31.84
C PHE B 78 -3.26 -18.20 32.89
N LYS B 79 -3.48 -17.80 34.14
CA LYS B 79 -2.50 -17.92 35.26
C LYS B 79 -1.99 -19.37 35.37
N ALA B 80 -2.89 -20.35 35.35
CA ALA B 80 -2.57 -21.78 35.58
C ALA B 80 -2.32 -22.52 34.26
N SER B 81 -1.70 -21.85 33.28
CA SER B 81 -1.48 -22.39 31.91
C SER B 81 -0.05 -22.10 31.43
N LYS B 82 0.33 -22.73 30.31
CA LYS B 82 1.65 -22.57 29.66
C LYS B 82 1.64 -21.36 28.71
N ILE B 83 0.49 -20.70 28.55
CA ILE B 83 0.33 -19.50 27.68
C ILE B 83 1.06 -18.32 28.34
N THR B 84 1.90 -17.64 27.57
CA THR B 84 2.58 -16.38 27.97
C THR B 84 1.89 -15.21 27.24
N LEU B 85 1.57 -14.13 27.98
CA LEU B 85 1.15 -12.85 27.37
C LEU B 85 2.41 -12.05 27.03
N VAL B 86 2.50 -11.52 25.82
CA VAL B 86 3.69 -10.73 25.38
C VAL B 86 3.17 -9.43 24.74
N ASP B 87 3.77 -8.32 25.11
CA ASP B 87 3.52 -6.99 24.50
C ASP B 87 4.28 -6.91 23.18
N ILE B 88 3.62 -6.57 22.09
CA ILE B 88 4.33 -6.35 20.80
C ILE B 88 5.42 -5.28 20.99
N ARG B 89 5.19 -4.29 21.86
CA ARG B 89 6.12 -3.14 22.07
C ARG B 89 7.40 -3.64 22.75
N ASN B 90 7.38 -4.82 23.37
CA ASN B 90 8.50 -5.40 24.15
C ASN B 90 9.23 -6.50 23.35
N LYS B 91 8.85 -6.74 22.09
CA LYS B 91 9.55 -7.74 21.24
C LYS B 91 11.01 -7.29 21.03
N GLY B 92 11.93 -8.25 21.01
CA GLY B 92 13.38 -7.99 20.82
C GLY B 92 13.64 -7.23 19.55
N TYR B 93 12.81 -7.44 18.53
CA TYR B 93 12.94 -6.88 17.16
C TYR B 93 12.02 -5.65 16.99
N PHE B 94 11.42 -5.12 18.05
CA PHE B 94 10.39 -4.05 17.93
C PHE B 94 10.98 -2.83 17.20
N HIS B 95 12.23 -2.45 17.49
CA HIS B 95 12.84 -1.23 16.90
C HIS B 95 12.78 -1.29 15.38
N GLN B 96 13.06 -2.46 14.79
CA GLN B 96 13.01 -2.66 13.31
C GLN B 96 11.55 -2.81 12.88
N LEU B 97 10.74 -3.54 13.65
CA LEU B 97 9.31 -3.78 13.29
C LEU B 97 8.59 -2.43 13.15
N GLN B 98 8.83 -1.50 14.10
N GLN B 98 8.83 -1.48 14.07
CA GLN B 98 8.16 -0.17 14.15
CA GLN B 98 8.09 -0.18 14.12
C GLN B 98 8.41 0.60 12.84
C GLN B 98 8.51 0.73 12.95
N GLN B 99 9.58 0.39 12.21
CA GLN B 99 10.02 1.17 11.02
C GLN B 99 9.53 0.50 9.72
N GLU B 100 8.81 -0.62 9.83
CA GLU B 100 8.14 -1.25 8.66
C GLU B 100 7.05 -0.32 8.16
N PRO B 101 6.96 -0.07 6.83
CA PRO B 101 5.85 0.73 6.30
C PRO B 101 4.47 0.19 6.73
N SER B 102 4.31 -1.14 6.80
CA SER B 102 3.03 -1.77 7.23
C SER B 102 2.72 -1.40 8.69
N PHE B 103 3.73 -1.19 9.53
CA PHE B 103 3.50 -0.83 10.96
C PHE B 103 2.89 0.59 11.04
N THR B 104 3.24 1.47 10.11
CA THR B 104 2.61 2.82 9.99
C THR B 104 1.10 2.64 9.92
N TYR B 105 0.61 1.73 9.09
CA TYR B 105 -0.84 1.49 8.88
C TYR B 105 -1.41 0.75 10.08
N TYR B 106 -0.69 -0.21 10.65
CA TYR B 106 -1.12 -0.87 11.90
C TYR B 106 -1.45 0.20 12.94
N GLU B 107 -0.57 1.20 13.11
CA GLU B 107 -0.76 2.29 14.11
C GLU B 107 -2.03 3.08 13.77
N GLU B 108 -2.25 3.41 12.50
CA GLU B 108 -3.46 4.17 12.06
C GLU B 108 -4.71 3.34 12.38
N VAL B 109 -4.66 2.04 12.11
CA VAL B 109 -5.86 1.15 12.20
C VAL B 109 -6.21 0.90 13.67
N ILE B 110 -5.22 0.69 14.55
CA ILE B 110 -5.52 0.51 16.00
C ILE B 110 -6.02 1.85 16.58
N ARG B 111 -5.57 2.99 16.06
CA ARG B 111 -6.06 4.32 16.54
C ARG B 111 -7.54 4.50 16.18
N ASN B 112 -8.01 3.84 15.11
CA ASN B 112 -9.43 3.82 14.68
C ASN B 112 -10.21 2.66 15.34
N LYS B 113 -9.56 1.92 16.25
N LYS B 113 -9.54 1.91 16.24
CA LYS B 113 -10.17 0.85 17.08
CA LYS B 113 -10.14 0.84 17.08
C LYS B 113 -10.66 -0.30 16.20
C LYS B 113 -10.65 -0.31 16.21
N LYS B 114 -10.01 -0.54 15.05
CA LYS B 114 -10.34 -1.65 14.12
C LYS B 114 -9.36 -2.79 14.39
N PHE B 115 -9.51 -3.47 15.51
CA PHE B 115 -8.48 -4.40 16.04
C PHE B 115 -8.39 -5.66 15.17
N ALA B 116 -9.52 -6.22 14.73
CA ALA B 116 -9.51 -7.39 13.82
C ALA B 116 -8.76 -7.02 12.54
N GLN B 117 -9.06 -5.85 11.96
CA GLN B 117 -8.36 -5.35 10.75
C GLN B 117 -6.86 -5.20 11.04
N ALA B 118 -6.49 -4.63 12.19
CA ALA B 118 -5.06 -4.42 12.54
C ALA B 118 -4.36 -5.77 12.67
N SER B 119 -5.07 -6.79 13.14
CA SER B 119 -4.53 -8.17 13.33
C SER B 119 -4.09 -8.78 12.00
N ASP B 120 -4.69 -8.40 10.88
CA ASP B 120 -4.31 -8.92 9.55
C ASP B 120 -2.88 -8.46 9.20
N ILE B 121 -2.51 -7.24 9.60
CA ILE B 121 -1.12 -6.73 9.43
C ILE B 121 -0.21 -7.38 10.47
N LEU B 122 -0.63 -7.36 11.74
CA LEU B 122 0.29 -7.75 12.82
C LEU B 122 0.65 -9.23 12.69
N ARG B 123 -0.28 -10.10 12.29
CA ARG B 123 0.02 -11.56 12.19
C ARG B 123 1.15 -11.77 11.18
N LEU B 124 1.17 -10.99 10.10
CA LEU B 124 2.19 -11.13 9.04
C LEU B 124 3.54 -10.61 9.56
N LEU B 125 3.54 -9.50 10.28
CA LEU B 125 4.80 -8.93 10.82
C LEU B 125 5.42 -9.90 11.82
N VAL B 126 4.62 -10.51 12.70
CA VAL B 126 5.17 -11.46 13.70
C VAL B 126 5.73 -12.68 12.96
N LEU B 127 5.04 -13.19 11.94
CA LEU B 127 5.57 -14.34 11.17
C LEU B 127 6.86 -13.93 10.43
N LYS B 128 6.90 -12.74 9.84
CA LYS B 128 8.12 -12.23 9.17
C LYS B 128 9.31 -12.29 10.13
N TYR B 129 9.16 -11.77 11.34
CA TYR B 129 10.28 -11.57 12.29
C TYR B 129 10.62 -12.86 13.06
N GLU B 130 9.67 -13.80 13.21
CA GLU B 130 9.87 -14.97 14.10
C GLU B 130 9.70 -16.31 13.39
N GLY B 131 8.89 -16.37 12.32
CA GLY B 131 8.37 -17.65 11.82
C GLY B 131 7.47 -18.31 12.86
N GLY B 132 7.04 -19.54 12.61
CA GLY B 132 6.13 -20.28 13.49
C GLY B 132 4.74 -20.36 12.89
N ILE B 133 3.74 -20.50 13.74
CA ILE B 133 2.32 -20.65 13.31
C ILE B 133 1.50 -19.54 13.96
N TYR B 134 0.83 -18.75 13.13
CA TYR B 134 -0.18 -17.80 13.61
C TYR B 134 -1.53 -18.49 13.58
N LYS B 135 -2.35 -18.31 14.63
CA LYS B 135 -3.75 -18.77 14.66
CA LYS B 135 -3.76 -18.76 14.63
C LYS B 135 -4.62 -17.69 15.29
N ASP B 136 -5.80 -17.44 14.72
CA ASP B 136 -6.85 -16.58 15.31
C ASP B 136 -7.21 -17.12 16.70
N ILE B 137 -7.59 -16.22 17.59
CA ILE B 137 -7.94 -16.55 19.00
C ILE B 137 -9.22 -17.40 19.00
N ASP B 138 -10.03 -17.30 17.95
CA ASP B 138 -11.36 -17.95 17.82
C ASP B 138 -11.27 -19.24 16.98
N ASP B 139 -10.09 -19.58 16.45
CA ASP B 139 -9.90 -20.83 15.66
C ASP B 139 -9.76 -22.01 16.62
N ILE B 140 -10.29 -23.16 16.23
CA ILE B 140 -10.35 -24.40 17.07
C ILE B 140 -9.13 -25.26 16.74
N GLN B 141 -8.36 -25.64 17.75
CA GLN B 141 -7.26 -26.64 17.61
C GLN B 141 -7.91 -28.04 17.58
N ILE B 142 -7.89 -28.70 16.43
CA ILE B 142 -8.45 -30.07 16.26
C ILE B 142 -7.54 -31.05 17.00
N LYS B 143 -6.23 -30.96 16.73
CA LYS B 143 -5.20 -31.84 17.34
C LYS B 143 -3.85 -31.13 17.30
N GLY B 144 -2.86 -31.65 18.04
CA GLY B 144 -1.49 -31.11 18.08
C GLY B 144 -0.87 -31.04 16.69
N PHE B 145 -0.11 -29.98 16.42
CA PHE B 145 0.61 -29.77 15.13
C PHE B 145 1.71 -30.81 14.98
N GLY B 146 2.42 -31.14 16.06
CA GLY B 146 3.64 -31.94 16.03
C GLY B 146 4.73 -31.25 15.24
N SER B 147 5.70 -32.00 14.73
CA SER B 147 6.84 -31.46 13.93
C SER B 147 6.38 -31.27 12.48
N LEU B 148 6.15 -30.02 12.08
CA LEU B 148 5.64 -29.67 10.72
C LEU B 148 6.77 -29.12 9.85
N ALA B 149 6.73 -29.44 8.56
CA ALA B 149 7.64 -28.92 7.51
C ALA B 149 6.82 -28.79 6.22
N PHE B 150 6.99 -27.68 5.49
CA PHE B 150 6.20 -27.38 4.28
C PHE B 150 7.13 -27.02 3.12
N PRO B 151 6.76 -27.40 1.88
CA PRO B 151 7.45 -26.90 0.69
C PRO B 151 7.40 -25.36 0.72
N LYS B 152 8.51 -24.72 0.35
CA LYS B 152 8.67 -23.24 0.30
C LYS B 152 8.40 -22.63 1.68
N GLY B 153 8.42 -23.44 2.75
CA GLY B 153 8.29 -22.99 4.14
C GLY B 153 6.97 -22.30 4.43
N ILE B 154 5.89 -22.65 3.73
CA ILE B 154 4.55 -22.03 3.90
C ILE B 154 3.49 -23.12 4.03
N GLY B 155 2.67 -23.03 5.08
CA GLY B 155 1.56 -23.95 5.34
C GLY B 155 0.27 -23.19 5.55
N VAL B 156 -0.80 -23.63 4.90
CA VAL B 156 -2.14 -22.98 4.95
C VAL B 156 -3.19 -24.08 5.06
N MET B 157 -4.43 -23.67 5.30
CA MET B 157 -5.60 -24.57 5.19
C MET B 157 -6.18 -24.45 3.78
N ARG B 158 -7.05 -25.38 3.42
CA ARG B 158 -7.65 -25.42 2.07
C ARG B 158 -8.39 -24.11 1.79
N GLU B 159 -8.26 -23.61 0.57
CA GLU B 159 -9.07 -22.47 0.08
C GLU B 159 -10.54 -22.91 -0.04
N TYR B 160 -11.44 -21.95 0.01
CA TYR B 160 -12.89 -22.13 -0.19
C TYR B 160 -13.46 -20.75 -0.52
N VAL B 161 -14.70 -20.70 -1.00
CA VAL B 161 -15.42 -19.42 -1.26
C VAL B 161 -16.01 -18.96 0.07
N PRO B 162 -15.56 -17.80 0.62
CA PRO B 162 -16.07 -17.34 1.90
C PRO B 162 -17.51 -16.79 1.79
N GLU B 163 -18.16 -16.61 2.94
CA GLU B 163 -19.53 -16.03 3.08
C GLU B 163 -19.65 -14.80 2.16
N ALA B 164 -20.61 -14.83 1.23
CA ALA B 164 -20.93 -13.72 0.29
C ALA B 164 -19.71 -13.41 -0.58
N GLY B 165 -18.90 -14.43 -0.90
CA GLY B 165 -17.69 -14.31 -1.74
C GLY B 165 -17.95 -14.78 -3.15
N LYS B 166 -17.21 -14.24 -4.12
CA LYS B 166 -17.30 -14.59 -5.57
C LYS B 166 -16.19 -15.59 -5.93
N SER B 167 -15.01 -15.42 -5.34
CA SER B 167 -13.78 -16.20 -5.64
C SER B 167 -13.34 -16.99 -4.39
N ALA B 168 -12.66 -18.13 -4.61
CA ALA B 168 -12.02 -18.94 -3.56
C ALA B 168 -10.86 -18.13 -2.95
N ALA B 169 -10.72 -18.19 -1.64
CA ALA B 169 -9.63 -17.55 -0.89
C ALA B 169 -9.05 -18.56 0.10
N PHE B 170 -7.72 -18.59 0.20
CA PHE B 170 -7.04 -19.24 1.35
C PHE B 170 -7.31 -18.40 2.58
N PRO B 171 -7.80 -19.00 3.68
CA PRO B 171 -7.94 -18.25 4.93
C PRO B 171 -6.57 -17.75 5.39
N ASN B 172 -6.51 -16.56 5.99
CA ASN B 172 -5.23 -16.00 6.52
C ASN B 172 -5.08 -16.38 8.01
N SER B 173 -5.79 -17.40 8.46
CA SER B 173 -5.56 -18.09 9.75
C SER B 173 -6.00 -19.53 9.62
N PRO B 174 -5.24 -20.53 10.12
CA PRO B 174 -3.86 -20.38 10.58
C PRO B 174 -2.87 -20.22 9.42
N ILE B 175 -1.67 -19.71 9.70
CA ILE B 175 -0.55 -19.68 8.72
C ILE B 175 0.69 -20.23 9.41
N ALA B 176 1.34 -21.22 8.82
CA ALA B 176 2.68 -21.69 9.24
C ALA B 176 3.71 -21.11 8.29
N ALA B 177 4.78 -20.51 8.80
CA ALA B 177 5.80 -19.86 7.95
C ALA B 177 7.19 -20.02 8.53
N THR B 178 8.18 -20.24 7.67
CA THR B 178 9.60 -19.99 7.97
C THR B 178 9.75 -18.50 8.25
N LYS B 179 10.74 -18.12 9.05
CA LYS B 179 11.07 -16.70 9.31
C LYS B 179 11.38 -16.02 7.97
N ASN B 180 10.92 -14.78 7.80
CA ASN B 180 11.19 -13.95 6.59
C ASN B 180 10.73 -14.68 5.32
N ASN B 181 9.56 -15.31 5.36
CA ASN B 181 9.02 -16.10 4.24
C ASN B 181 8.61 -15.17 3.10
N PRO B 182 8.99 -15.45 1.83
CA PRO B 182 8.58 -14.64 0.69
C PRO B 182 7.06 -14.43 0.53
N VAL B 183 6.24 -15.42 0.87
CA VAL B 183 4.76 -15.29 0.74
C VAL B 183 4.27 -14.25 1.75
N VAL B 184 4.80 -14.28 2.97
CA VAL B 184 4.41 -13.32 4.04
C VAL B 184 4.88 -11.92 3.61
N ASN B 185 6.10 -11.81 3.10
CA ASN B 185 6.68 -10.51 2.66
C ASN B 185 5.84 -9.96 1.50
N LYS B 186 5.46 -10.81 0.55
CA LYS B 186 4.64 -10.37 -0.60
C LYS B 186 3.28 -9.87 -0.10
N THR B 187 2.68 -10.55 0.88
CA THR B 187 1.36 -10.13 1.42
C THR B 187 1.51 -8.74 2.05
N LEU B 188 2.57 -8.50 2.81
CA LEU B 188 2.85 -7.19 3.45
C LEU B 188 3.05 -6.12 2.37
N GLU B 189 3.78 -6.44 1.30
CA GLU B 189 4.03 -5.50 0.18
C GLU B 189 2.68 -5.11 -0.47
N LEU B 190 1.85 -6.10 -0.78
CA LEU B 190 0.51 -5.83 -1.38
C LEU B 190 -0.32 -4.98 -0.41
N ALA B 191 -0.29 -5.30 0.87
CA ALA B 191 -1.07 -4.59 1.91
C ALA B 191 -0.61 -3.13 2.01
N VAL B 192 0.70 -2.88 2.02
CA VAL B 192 1.25 -1.50 2.07
C VAL B 192 0.72 -0.72 0.87
N GLU B 193 0.71 -1.32 -0.32
CA GLU B 193 0.19 -0.63 -1.53
C GLU B 193 -1.31 -0.32 -1.35
N ASN B 194 -2.10 -1.30 -0.91
CA ASN B 194 -3.57 -1.11 -0.73
C ASN B 194 -3.81 0.06 0.24
N TYR B 195 -3.10 0.09 1.35
CA TYR B 195 -3.25 1.16 2.36
C TYR B 195 -2.74 2.49 1.81
N ARG B 196 -1.60 2.50 1.12
CA ARG B 196 -1.03 3.76 0.56
C ARG B 196 -1.98 4.34 -0.48
N HIS B 197 -2.70 3.47 -1.21
CA HIS B 197 -3.72 3.86 -2.22
C HIS B 197 -5.01 4.36 -1.55
N GLY B 198 -5.12 4.29 -0.22
CA GLY B 198 -6.30 4.78 0.52
C GLY B 198 -7.50 3.87 0.33
N GLU B 199 -7.27 2.58 0.05
CA GLU B 199 -8.35 1.58 -0.16
C GLU B 199 -9.29 1.57 1.04
N LYS B 200 -10.60 1.64 0.80
CA LYS B 200 -11.65 1.56 1.86
C LYS B 200 -12.38 0.21 1.77
N ASN B 201 -12.18 -0.54 0.68
CA ASN B 201 -12.76 -1.89 0.48
C ASN B 201 -12.04 -2.87 1.41
N VAL B 202 -12.74 -3.38 2.44
CA VAL B 202 -12.15 -4.22 3.51
C VAL B 202 -11.63 -5.54 2.93
N LEU B 203 -12.08 -5.91 1.73
CA LEU B 203 -11.62 -7.15 1.02
C LEU B 203 -10.31 -6.88 0.27
N LYS B 204 -9.82 -5.64 0.25
CA LYS B 204 -8.61 -5.26 -0.51
C LYS B 204 -7.63 -4.52 0.41
N LEU B 205 -7.36 -5.08 1.59
CA LEU B 205 -6.36 -4.48 2.52
C LEU B 205 -5.28 -5.52 2.80
N ALA B 206 -5.43 -6.36 3.83
CA ALA B 206 -4.41 -7.40 4.17
C ALA B 206 -5.08 -8.73 4.49
N GLY B 207 -6.33 -8.93 4.07
CA GLY B 207 -7.14 -10.11 4.44
C GLY B 207 -6.90 -11.29 3.51
N PRO B 208 -7.75 -12.34 3.60
CA PRO B 208 -7.59 -13.56 2.81
C PRO B 208 -7.42 -13.38 1.29
N ASP B 209 -8.12 -12.41 0.69
CA ASP B 209 -8.05 -12.18 -0.77
C ASP B 209 -6.64 -11.67 -1.14
N VAL B 210 -6.02 -10.90 -0.25
CA VAL B 210 -4.67 -10.31 -0.48
C VAL B 210 -3.61 -11.39 -0.24
N PHE B 211 -3.76 -12.14 0.84
CA PHE B 211 -2.92 -13.33 1.13
C PHE B 211 -2.98 -14.31 -0.05
N THR B 212 -4.17 -14.56 -0.60
CA THR B 212 -4.38 -15.47 -1.76
C THR B 212 -3.64 -14.93 -2.98
N LYS B 213 -3.74 -13.63 -3.25
CA LYS B 213 -3.01 -12.98 -4.37
C LYS B 213 -1.51 -13.22 -4.20
N ALA B 214 -0.97 -13.01 -3.00
CA ALA B 214 0.47 -13.20 -2.70
C ALA B 214 0.89 -14.65 -2.94
N LEU B 215 0.10 -15.61 -2.44
N LEU B 215 0.08 -15.60 -2.48
CA LEU B 215 0.34 -17.07 -2.62
CA LEU B 215 0.34 -17.06 -2.60
C LEU B 215 0.43 -17.39 -4.12
C LEU B 215 0.37 -17.45 -4.09
N TYR B 216 -0.56 -16.93 -4.89
CA TYR B 216 -0.64 -17.19 -6.35
C TYR B 216 0.57 -16.57 -7.06
N GLN B 217 1.04 -15.40 -6.63
CA GLN B 217 2.20 -14.70 -7.27
C GLN B 217 3.49 -15.46 -6.96
N GLU B 218 3.69 -15.89 -5.72
CA GLU B 218 4.95 -16.55 -5.27
C GLU B 218 4.98 -18.02 -5.69
N ILE B 219 3.82 -18.67 -5.69
CA ILE B 219 3.67 -20.14 -5.97
C ILE B 219 2.48 -20.33 -6.91
N PRO B 220 2.66 -20.03 -8.22
CA PRO B 220 1.55 -20.02 -9.18
C PRO B 220 0.68 -21.27 -9.22
N GLY B 221 1.28 -22.46 -9.04
CA GLY B 221 0.59 -23.76 -9.06
C GLY B 221 -0.41 -23.94 -7.92
N MET B 222 -0.41 -23.06 -6.92
CA MET B 222 -1.43 -23.06 -5.84
C MET B 222 -2.81 -22.76 -6.42
N CYS B 223 -2.86 -22.12 -7.59
CA CYS B 223 -4.11 -21.95 -8.38
C CYS B 223 -4.40 -23.25 -9.15
N SER B 224 -5.62 -23.79 -9.02
CA SER B 224 -6.07 -25.05 -9.65
C SER B 224 -5.87 -25.01 -11.17
N GLN B 225 -6.21 -23.87 -11.79
N GLN B 225 -6.22 -23.88 -11.80
CA GLN B 225 -6.13 -23.64 -13.27
CA GLN B 225 -6.13 -23.64 -13.27
C GLN B 225 -4.65 -23.69 -13.71
C GLN B 225 -4.65 -23.71 -13.71
N VAL B 226 -3.76 -23.02 -12.99
CA VAL B 226 -2.31 -22.94 -13.32
C VAL B 226 -1.66 -24.32 -13.16
N LEU B 227 -2.02 -25.07 -12.10
CA LEU B 227 -1.57 -26.47 -11.90
C LEU B 227 -2.09 -27.33 -13.07
N GLY B 228 -3.29 -27.02 -13.57
CA GLY B 228 -3.87 -27.63 -14.78
C GLY B 228 -2.97 -27.46 -15.98
N THR B 229 -2.51 -26.23 -16.25
CA THR B 229 -1.61 -25.87 -17.37
C THR B 229 -0.25 -26.56 -17.19
N GLN B 230 0.24 -26.67 -15.96
CA GLN B 230 1.52 -27.36 -15.63
C GLN B 230 1.40 -28.84 -15.99
N LEU B 231 0.28 -29.48 -15.63
CA LEU B 231 0.02 -30.93 -15.91
C LEU B 231 -0.10 -31.15 -17.42
N GLU B 232 -0.66 -30.19 -18.16
CA GLU B 232 -0.80 -30.25 -19.64
C GLU B 232 0.58 -30.33 -20.28
N GLN B 233 1.56 -29.62 -19.74
CA GLN B 233 2.96 -29.59 -20.25
C GLN B 233 3.61 -30.97 -20.05
N PHE B 234 3.32 -31.64 -18.93
CA PHE B 234 3.77 -33.03 -18.65
C PHE B 234 3.01 -34.02 -19.56
N GLU B 235 1.71 -33.80 -19.77
CA GLU B 235 0.87 -34.62 -20.69
C GLU B 235 1.50 -34.59 -22.09
N LEU B 236 1.92 -33.41 -22.55
CA LEU B 236 2.61 -33.20 -23.86
C LEU B 236 3.96 -33.96 -23.83
N ALA B 237 4.74 -33.80 -22.75
CA ALA B 237 6.08 -34.40 -22.57
C ALA B 237 5.99 -35.94 -22.63
N LYS B 238 4.93 -36.53 -22.07
CA LYS B 238 4.70 -38.00 -22.06
C LYS B 238 4.35 -38.46 -23.49
N ARG B 239 3.47 -37.74 -24.18
CA ARG B 239 3.06 -38.05 -25.58
C ARG B 239 4.26 -37.88 -26.52
N GLN B 240 5.25 -37.05 -26.15
CA GLN B 240 6.52 -36.84 -26.91
C GLN B 240 7.49 -37.99 -26.58
N ALA B 241 7.57 -38.41 -25.31
CA ALA B 241 8.37 -39.57 -24.84
C ALA B 241 7.91 -40.83 -25.59
N LEU B 242 6.59 -40.99 -25.75
CA LEU B 242 5.96 -42.13 -26.49
C LEU B 242 5.68 -41.70 -27.93
N LEU B 257 -1.79 -38.75 -18.64
CA LEU B 257 -1.02 -39.03 -17.39
C LEU B 257 -1.80 -40.03 -16.53
N THR B 258 -1.07 -40.83 -15.72
CA THR B 258 -1.66 -41.76 -14.72
C THR B 258 -2.00 -40.99 -13.43
N LEU B 259 -2.81 -41.59 -12.56
CA LEU B 259 -3.17 -41.03 -11.22
C LEU B 259 -1.90 -40.78 -10.42
N GLN B 260 -0.97 -41.75 -10.41
CA GLN B 260 0.33 -41.67 -9.68
C GLN B 260 1.13 -40.47 -10.20
N GLU B 261 1.25 -40.32 -11.53
CA GLU B 261 2.02 -39.22 -12.18
C GLU B 261 1.40 -37.86 -11.81
N LYS B 262 0.05 -37.77 -11.86
CA LYS B 262 -0.71 -36.54 -11.51
C LYS B 262 -0.44 -36.17 -10.04
N ALA B 263 -0.50 -37.18 -9.15
CA ALA B 263 -0.31 -37.03 -7.68
C ALA B 263 1.13 -36.59 -7.38
N LYS B 264 2.10 -37.06 -8.17
CA LYS B 264 3.54 -36.71 -8.01
C LYS B 264 3.75 -35.23 -8.40
N ILE B 265 3.24 -34.82 -9.56
CA ILE B 265 3.40 -33.43 -10.11
C ILE B 265 2.70 -32.44 -9.16
N SER B 266 1.58 -32.85 -8.54
CA SER B 266 0.71 -32.00 -7.68
C SER B 266 1.20 -31.98 -6.23
N ARG B 267 2.15 -32.86 -5.87
CA ARG B 267 2.54 -33.20 -4.47
C ARG B 267 2.81 -31.95 -3.63
N PRO B 268 3.73 -31.04 -4.04
CA PRO B 268 4.08 -29.91 -3.17
C PRO B 268 2.89 -28.98 -2.88
N TYR B 269 2.00 -28.80 -3.85
CA TYR B 269 0.83 -27.87 -3.76
C TYR B 269 -0.20 -28.44 -2.78
N LYS B 270 -0.39 -29.76 -2.78
CA LYS B 270 -1.26 -30.47 -1.81
C LYS B 270 -0.64 -30.36 -0.40
N ALA B 271 0.68 -30.54 -0.31
CA ALA B 271 1.45 -30.52 0.96
C ALA B 271 1.34 -29.14 1.63
N ILE B 272 1.34 -28.06 0.84
CA ILE B 272 1.25 -26.67 1.35
C ILE B 272 -0.11 -26.46 2.04
N ARG B 273 -1.15 -27.20 1.64
CA ARG B 273 -2.49 -27.12 2.26
C ARG B 273 -2.58 -28.00 3.52
N GLY B 274 -1.44 -28.35 4.12
CA GLY B 274 -1.35 -29.38 5.18
C GLY B 274 -1.64 -28.88 6.59
N LEU B 275 -2.19 -27.66 6.77
CA LEU B 275 -2.75 -27.23 8.08
C LEU B 275 -4.23 -27.59 8.18
N SER B 276 -4.85 -28.04 7.08
CA SER B 276 -6.31 -28.31 6.99
C SER B 276 -6.78 -29.24 8.11
N GLU B 277 -5.98 -30.26 8.47
CA GLU B 277 -6.41 -31.31 9.43
C GLU B 277 -6.17 -30.88 10.89
N TYR B 278 -5.46 -29.78 11.13
CA TYR B 278 -4.99 -29.42 12.50
C TYR B 278 -5.89 -28.35 13.14
N VAL B 279 -6.50 -27.49 12.35
CA VAL B 279 -7.26 -26.31 12.85
C VAL B 279 -8.59 -26.22 12.10
N CYS B 280 -9.66 -25.85 12.80
CA CYS B 280 -10.98 -25.53 12.22
C CYS B 280 -11.31 -24.07 12.50
N ASN B 281 -11.63 -23.27 11.47
CA ASN B 281 -11.97 -21.84 11.66
C ASN B 281 -13.49 -21.64 11.72
N GLY B 282 -14.26 -22.73 11.72
CA GLY B 282 -15.72 -22.72 11.91
C GLY B 282 -16.49 -22.25 10.68
N ALA B 283 -15.81 -21.93 9.58
CA ALA B 283 -16.43 -21.41 8.33
C ALA B 283 -17.29 -22.52 7.69
N ASP B 284 -16.96 -23.78 7.99
CA ASP B 284 -17.65 -24.98 7.45
C ASP B 284 -18.72 -25.46 8.45
N HIS B 285 -19.06 -24.66 9.46
CA HIS B 285 -20.16 -24.92 10.41
C HIS B 285 -21.47 -24.39 9.83
N1 UDP C . 11.05 13.12 -18.96
C2 UDP C . 11.08 13.67 -20.24
N3 UDP C . 12.16 13.32 -20.99
C4 UDP C . 13.20 12.50 -20.63
C5 UDP C . 13.12 11.96 -19.30
C6 UDP C . 12.06 12.28 -18.53
O2 UDP C . 10.21 14.41 -20.65
O4 UDP C . 14.12 12.29 -21.44
C1' UDP C . 9.88 13.43 -18.13
C2' UDP C . 8.81 12.31 -18.09
O2' UDP C . 7.48 12.82 -18.00
C3' UDP C . 9.12 11.68 -16.74
C4' UDP C . 9.43 12.91 -15.93
O4' UDP C . 10.33 13.63 -16.80
O3' UDP C . 8.00 10.95 -16.23
C5' UDP C . 10.08 12.72 -14.59
O5' UDP C . 11.19 11.85 -14.80
PA UDP C . 11.13 10.43 -14.08
O1A UDP C . 12.28 9.75 -14.69
O2A UDP C . 9.76 9.83 -14.13
O3A UDP C . 11.40 10.76 -12.53
PB UDP C . 11.04 9.94 -11.18
O1B UDP C . 10.72 10.98 -10.12
O2B UDP C . 12.26 9.14 -10.80
O3B UDP C . 9.84 9.06 -11.51
C ACT D . 16.42 34.39 -11.18
O ACT D . 15.68 35.39 -11.04
OXT ACT D . 16.97 33.80 -10.22
CH3 ACT D . 16.63 33.85 -12.59
C ACT E . 17.77 31.62 3.55
O ACT E . 17.10 32.61 3.88
OXT ACT E . 17.91 31.26 2.38
CH3 ACT E . 18.44 30.78 4.64
C1 EDO F . 11.23 6.62 -18.01
O1 EDO F . 10.12 5.85 -17.63
C2 EDO F . 11.02 8.07 -17.81
O2 EDO F . 11.98 8.87 -18.48
C1 EDO G . -2.18 34.57 -23.17
O1 EDO G . -2.64 34.13 -21.92
C2 EDO G . -2.59 35.96 -23.49
O2 EDO G . -1.96 36.48 -24.66
C ACT H . 14.24 20.47 0.92
O ACT H . 14.59 20.26 -0.25
OXT ACT H . 14.82 20.01 1.93
CH3 ACT H . 13.02 21.35 1.15
C1 EDO I . 11.82 4.80 -14.03
O1 EDO I . 10.47 5.15 -13.84
C2 EDO I . 12.75 5.89 -13.66
O2 EDO I . 12.66 7.01 -14.51
CD CD J . 1.09 2.06 -5.83
CD CD K . -20.12 25.80 31.19
CD CD L . 0.82 -0.61 -8.40
CD CD M . 16.42 32.82 1.77
CD CD N . 6.12 19.32 10.83
CD CD O . -13.02 6.53 -4.16
CD CD P . 2.75 7.95 -40.32
CD CD Q . 11.74 12.85 -9.43
CD CD R . 1.17 31.39 -0.30
CD CD S . 24.54 22.21 -1.73
MN MN T . 8.35 9.00 -12.85
NA NA U . 15.32 26.16 -0.29
NA NA V . -9.65 25.04 18.20
C ACT W . -1.21 -0.70 -9.94
O ACT W . -0.09 -0.94 -10.40
OXT ACT W . -1.41 -0.39 -8.76
CH3 ACT W . -2.42 -0.82 -10.87
C ACT X . 3.93 3.95 3.31
O ACT X . 5.12 3.75 3.01
OXT ACT X . 2.99 3.75 2.53
CH3 ACT X . 3.61 4.46 4.71
N1 UDP Y . -8.73 -9.42 17.64
C2 UDP Y . -8.11 -8.73 18.67
N3 UDP Y . -8.90 -7.81 19.31
C4 UDP Y . -10.22 -7.52 19.03
C5 UDP Y . -10.80 -8.26 17.94
C6 UDP Y . -10.04 -9.17 17.29
O2 UDP Y . -6.95 -8.92 18.98
O4 UDP Y . -10.82 -6.68 19.74
C1' UDP Y . -7.92 -10.43 16.93
C2' UDP Y . -8.20 -11.88 17.35
O2' UDP Y . -7.02 -12.68 17.32
C3' UDP Y . -9.10 -12.36 16.23
C4' UDP Y . -8.45 -11.66 15.04
O4' UDP Y . -8.21 -10.33 15.54
O3' UDP Y . -9.05 -13.77 16.09
C5' UDP Y . -9.26 -11.57 13.77
O5' UDP Y . -10.58 -11.14 14.13
PA UDP Y . -11.74 -12.18 13.83
O1A UDP Y . -12.96 -11.52 14.37
O2A UDP Y . -11.43 -13.59 14.23
O3A UDP Y . -11.80 -12.23 12.23
PB UDP Y . -12.49 -13.31 11.23
O1B UDP Y . -12.11 -13.01 9.80
O2B UDP Y . -13.96 -13.09 11.50
O3B UDP Y . -12.01 -14.68 11.69
C1 EDO Z . -13.01 -9.29 10.02
C1 EDO Z . -12.27 -8.85 10.13
O1 EDO Z . -11.92 -10.07 9.58
O1 EDO Z . -11.36 -9.83 9.65
C2 EDO Z . -14.15 -10.12 10.49
C2 EDO Z . -13.35 -9.41 10.98
O2 EDO Z . -14.04 -10.45 11.87
O2 EDO Z . -14.27 -10.23 10.27
C1 EDO AA . -14.53 -7.67 14.90
O1 EDO AA . -14.13 -6.82 15.95
C2 EDO AA . -14.64 -9.09 15.33
O2 EDO AA . -13.50 -9.56 16.01
C1 EDO BA . 12.17 -11.76 20.15
O1 EDO BA . 12.59 -12.99 19.57
C2 EDO BA . 11.14 -11.95 21.21
O2 EDO BA . 11.09 -10.88 22.13
C1 EDO CA . 14.59 -20.08 5.67
O1 EDO CA . 14.86 -21.01 6.71
C2 EDO CA . 13.95 -18.84 6.15
O2 EDO CA . 14.35 -18.43 7.45
C1 EDO DA . 13.72 -11.04 9.01
O1 EDO DA . 13.05 -12.07 9.71
C2 EDO DA . 13.22 -9.69 9.32
O2 EDO DA . 14.07 -8.64 8.88
C1 EDO EA . 11.33 -8.70 2.15
O1 EDO EA . 11.34 -8.89 0.76
C2 EDO EA . 12.02 -7.45 2.58
O2 EDO EA . 12.35 -7.44 3.96
C1 EDO FA . -6.82 -2.41 -4.57
O1 EDO FA . -8.02 -2.16 -5.29
C2 EDO FA . -6.40 -1.28 -3.71
O2 EDO FA . -5.04 -0.91 -3.82
CD CD GA . -13.74 -26.91 9.85
CD CD HA . 12.13 -41.98 -28.78
CD CD IA . -5.59 -18.66 -12.00
CD CD JA . 8.54 -13.21 -5.05
CD CD KA . -11.85 1.27 -3.35
CD CD LA . -10.77 -11.70 8.57
CD CD MA . -2.23 -36.32 8.99
MN MN NA . -11.37 -15.46 13.41
NA NA OA . -3.54 -4.42 -4.38
#